data_9AT9
#
_entry.id   9AT9
#
_cell.length_a   37.539
_cell.length_b   40.626
_cell.length_c   101.043
_cell.angle_alpha   90.000
_cell.angle_beta   90.000
_cell.angle_gamma   90.000
#
_symmetry.space_group_name_H-M   'P 21 21 21'
#
loop_
_entity.id
_entity.type
_entity.pdbx_description
1 polymer FimH
2 non-polymer alpha-D-mannopyranose
3 water water
#
_entity_poly.entity_id   1
_entity_poly.type   'polypeptide(L)'
_entity_poly.pdbx_seq_one_letter_code
;FACKTATGATIPIGGGSANVYVNLTPAVNVGQNLVVDLSTQIFCHNDYPETITDYVTLQRGSAYGGVLSSFSGTVKYNGT
SYPFPTTTETARVIYDSRTDKPWPAVLYLTPVSTAGGVAITAGSLIAVLILHQTNNYNSDSFQFIWNIYANNDVVVPTGG
HHHHHH
;
_entity_poly.pdbx_strand_id   B
#
loop_
_chem_comp.id
_chem_comp.type
_chem_comp.name
_chem_comp.formula
MAN D-saccharide, alpha linking alpha-D-mannopyranose 'C6 H12 O6'
#
# COMPACT_ATOMS: atom_id res chain seq x y z
N PHE A 1 14.80 -12.43 4.44
CA PHE A 1 13.94 -11.39 3.79
C PHE A 1 13.43 -10.45 4.82
N ALA A 2 13.62 -9.17 4.56
CA ALA A 2 13.09 -8.17 5.48
C ALA A 2 12.80 -6.92 4.68
N CYS A 3 12.11 -5.97 5.32
CA CYS A 3 11.66 -4.79 4.62
C CYS A 3 11.86 -3.55 5.48
N LYS A 4 11.83 -2.40 4.82
CA LYS A 4 11.95 -1.13 5.52
C LYS A 4 11.16 -0.07 4.77
N THR A 5 10.90 1.04 5.44
CA THR A 5 10.36 2.21 4.76
C THR A 5 11.48 3.19 4.48
N ALA A 6 11.18 4.13 3.56
CA ALA A 6 12.16 5.16 3.23
C ALA A 6 12.54 5.98 4.46
N THR A 7 11.62 6.14 5.40
CA THR A 7 11.87 6.91 6.62
C THR A 7 12.64 6.09 7.66
N GLY A 8 12.70 4.78 7.52
CA GLY A 8 13.52 3.96 8.38
C GLY A 8 12.79 3.00 9.28
N ALA A 9 11.47 2.91 9.19
CA ALA A 9 10.78 1.84 9.90
C ALA A 9 11.16 0.51 9.27
N THR A 10 11.37 -0.50 10.11
CA THR A 10 11.80 -1.82 9.63
C THR A 10 10.82 -2.90 10.09
N ILE A 11 10.73 -3.94 9.29
CA ILE A 11 10.07 -5.17 9.69
C ILE A 11 11.09 -6.27 9.45
N PRO A 12 11.42 -7.06 10.47
CA PRO A 12 12.52 -8.02 10.36
C PRO A 12 12.11 -9.34 9.76
N ILE A 13 13.09 -10.22 9.59
CA ILE A 13 12.88 -11.61 9.24
C ILE A 13 11.74 -12.16 10.06
N GLY A 14 10.76 -12.79 9.39
CA GLY A 14 9.65 -13.40 10.08
C GLY A 14 8.41 -12.56 10.07
N GLY A 15 8.50 -11.33 9.58
CA GLY A 15 7.33 -10.47 9.48
C GLY A 15 7.12 -9.66 10.71
N GLY A 16 6.01 -8.95 10.69
CA GLY A 16 5.74 -7.93 11.68
C GLY A 16 4.95 -6.82 11.04
N SER A 17 4.98 -5.64 11.67
CA SER A 17 4.18 -4.54 11.18
C SER A 17 4.95 -3.24 11.27
N ALA A 18 4.56 -2.30 10.43
CA ALA A 18 5.20 -0.99 10.46
C ALA A 18 4.22 0.01 9.89
N ASN A 19 4.45 1.27 10.24
CA ASN A 19 3.63 2.38 9.77
C ASN A 19 4.33 3.10 8.62
N VAL A 20 3.54 3.50 7.64
CA VAL A 20 3.99 4.22 6.47
C VAL A 20 3.12 5.47 6.38
N TYR A 21 3.73 6.64 6.37
CA TYR A 21 2.99 7.89 6.26
C TYR A 21 3.15 8.44 4.86
N VAL A 22 2.05 8.75 4.20
CA VAL A 22 2.06 9.12 2.79
C VAL A 22 1.48 10.51 2.58
N ASN A 23 2.13 11.25 1.68
CA ASN A 23 1.56 12.49 1.19
C ASN A 23 0.52 12.19 0.11
N LEU A 24 -0.59 12.89 0.17
CA LEU A 24 -1.68 12.70 -0.77
C LEU A 24 -1.97 14.01 -1.44
N THR A 25 -2.40 13.94 -2.69
CA THR A 25 -2.80 15.17 -3.38
C THR A 25 -3.91 15.80 -2.55
N PRO A 26 -3.82 17.11 -2.25
CA PRO A 26 -4.75 17.67 -1.25
C PRO A 26 -6.17 17.81 -1.73
N ALA A 27 -6.39 17.88 -3.03
CA ALA A 27 -7.73 17.98 -3.60
C ALA A 27 -7.80 16.94 -4.71
N VAL A 28 -8.70 16.00 -4.57
CA VAL A 28 -8.90 14.97 -5.55
C VAL A 28 -10.25 15.28 -6.15
N ASN A 29 -10.24 15.71 -7.41
CA ASN A 29 -11.49 16.10 -8.01
C ASN A 29 -12.36 14.87 -8.28
N VAL A 30 -13.65 15.12 -8.48
CA VAL A 30 -14.58 14.06 -8.83
C VAL A 30 -14.05 13.27 -10.03
N GLY A 31 -14.26 11.95 -9.98
CA GLY A 31 -13.84 11.05 -11.05
C GLY A 31 -12.34 10.85 -11.18
N GLN A 32 -11.53 11.53 -10.40
CA GLN A 32 -10.09 11.48 -10.57
C GLN A 32 -9.51 10.42 -9.65
N ASN A 33 -8.28 10.02 -9.93
CA ASN A 33 -7.64 8.96 -9.17
C ASN A 33 -6.60 9.61 -8.26
N LEU A 34 -6.75 9.40 -6.96
CA LEU A 34 -5.70 9.64 -5.99
C LEU A 34 -4.78 8.43 -6.06
N VAL A 35 -3.50 8.68 -6.28
CA VAL A 35 -2.51 7.63 -6.51
C VAL A 35 -1.58 7.61 -5.32
N VAL A 36 -1.53 6.48 -4.63
CA VAL A 36 -0.65 6.29 -3.47
C VAL A 36 0.38 5.27 -3.89
N ASP A 37 1.55 5.74 -4.29
CA ASP A 37 2.62 4.91 -4.84
C ASP A 37 3.53 4.47 -3.70
N LEU A 38 3.31 3.27 -3.21
CA LEU A 38 4.09 2.79 -2.08
C LEU A 38 5.46 2.31 -2.52
N SER A 39 5.70 2.18 -3.82
CA SER A 39 6.99 1.71 -4.29
C SER A 39 8.10 2.73 -4.07
N THR A 40 7.77 3.96 -3.69
CA THR A 40 8.81 4.90 -3.30
C THR A 40 9.04 4.91 -1.80
N GLN A 41 8.28 4.15 -1.04
CA GLN A 41 8.35 4.20 0.41
C GLN A 41 8.61 2.86 1.07
N ILE A 42 8.33 1.74 0.42
CA ILE A 42 8.52 0.41 0.99
C ILE A 42 9.52 -0.35 0.13
N PHE A 43 10.54 -0.91 0.77
CA PHE A 43 11.63 -1.59 0.11
C PHE A 43 11.92 -2.87 0.85
N CYS A 44 12.33 -3.90 0.12
CA CYS A 44 12.62 -5.17 0.74
C CYS A 44 13.86 -5.77 0.10
N HIS A 45 14.41 -6.77 0.77
CA HIS A 45 15.59 -7.44 0.27
C HIS A 45 15.60 -8.88 0.70
N ASN A 46 16.36 -9.68 -0.05
CA ASN A 46 16.56 -11.10 0.18
C ASN A 46 17.89 -11.25 0.90
N ASP A 47 17.89 -12.03 1.98
CA ASP A 47 19.06 -12.15 2.83
C ASP A 47 20.03 -13.23 2.39
N TYR A 48 19.66 -14.05 1.43
CA TYR A 48 20.51 -15.18 1.04
C TYR A 48 20.27 -15.48 -0.43
N PRO A 49 20.44 -14.50 -1.31
CA PRO A 49 20.00 -14.69 -2.70
C PRO A 49 20.77 -15.76 -3.44
N GLU A 50 22.00 -16.06 -3.04
CA GLU A 50 22.78 -17.09 -3.73
C GLU A 50 22.10 -18.44 -3.65
N THR A 51 21.30 -18.66 -2.61
CA THR A 51 20.72 -19.96 -2.32
C THR A 51 19.21 -19.96 -2.29
N ILE A 52 18.58 -18.81 -2.00
CA ILE A 52 17.14 -18.72 -1.78
C ILE A 52 16.58 -17.68 -2.72
N THR A 53 15.45 -17.98 -3.34
CA THR A 53 14.66 -16.99 -4.07
C THR A 53 13.42 -16.70 -3.24
N ASP A 54 13.15 -15.41 -3.00
CA ASP A 54 12.00 -14.99 -2.23
C ASP A 54 10.87 -14.58 -3.15
N TYR A 55 9.65 -14.97 -2.78
CA TYR A 55 8.45 -14.71 -3.55
C TYR A 55 7.56 -13.83 -2.70
N VAL A 56 7.08 -12.74 -3.27
CA VAL A 56 6.40 -11.74 -2.49
C VAL A 56 5.10 -11.34 -3.17
N THR A 57 4.01 -11.45 -2.45
CA THR A 57 2.70 -11.09 -2.98
C THR A 57 2.07 -10.03 -2.08
N LEU A 58 1.02 -9.41 -2.59
CA LEU A 58 0.06 -8.70 -1.76
C LEU A 58 -1.02 -9.71 -1.42
N GLN A 59 -1.13 -10.06 -0.14
CA GLN A 59 -2.04 -11.10 0.29
C GLN A 59 -3.41 -10.58 0.58
N ARG A 60 -3.49 -9.36 1.12
CA ARG A 60 -4.74 -8.76 1.54
C ARG A 60 -4.50 -7.26 1.60
N GLY A 61 -5.55 -6.51 1.32
CA GLY A 61 -5.51 -5.09 1.53
C GLY A 61 -6.86 -4.63 2.01
N SER A 62 -6.87 -3.84 3.08
CA SER A 62 -8.09 -3.34 3.68
C SER A 62 -8.06 -1.82 3.66
N ALA A 63 -9.25 -1.24 3.57
CA ALA A 63 -9.44 0.20 3.53
C ALA A 63 -9.95 0.69 4.88
N TYR A 64 -9.57 1.92 5.22
CA TYR A 64 -9.93 2.50 6.50
C TYR A 64 -10.20 4.00 6.35
N GLY A 65 -10.74 4.56 7.42
CA GLY A 65 -10.98 6.00 7.47
C GLY A 65 -11.74 6.50 6.27
N GLY A 66 -11.22 7.62 5.74
CA GLY A 66 -11.88 8.28 4.63
C GLY A 66 -11.85 7.47 3.36
N VAL A 67 -10.85 6.59 3.21
CA VAL A 67 -10.82 5.76 2.02
C VAL A 67 -11.93 4.75 2.07
N LEU A 68 -12.09 4.11 3.23
CA LEU A 68 -13.18 3.16 3.40
C LEU A 68 -14.52 3.82 3.15
N SER A 69 -14.73 5.02 3.70
CA SER A 69 -16.06 5.61 3.59
C SER A 69 -16.32 6.27 2.24
N SER A 70 -15.31 6.86 1.59
CA SER A 70 -15.58 7.79 0.50
C SER A 70 -14.85 7.49 -0.81
N PHE A 71 -14.11 6.39 -0.91
CA PHE A 71 -13.38 6.07 -2.13
C PHE A 71 -13.64 4.62 -2.54
N SER A 72 -13.47 4.37 -3.84
CA SER A 72 -13.41 3.03 -4.38
C SER A 72 -12.10 2.91 -5.16
N GLY A 73 -11.63 1.70 -5.37
CA GLY A 73 -10.51 1.64 -6.29
C GLY A 73 -9.82 0.32 -6.37
N THR A 74 -8.55 0.40 -6.73
CA THR A 74 -7.78 -0.76 -7.13
C THR A 74 -6.36 -0.59 -6.63
N VAL A 75 -5.65 -1.70 -6.60
CA VAL A 75 -4.22 -1.68 -6.31
C VAL A 75 -3.51 -2.27 -7.50
N LYS A 76 -2.55 -1.54 -8.03
CA LYS A 76 -1.69 -2.03 -9.09
C LYS A 76 -0.47 -2.65 -8.42
N TYR A 77 -0.32 -3.96 -8.59
CA TYR A 77 0.78 -4.68 -7.99
C TYR A 77 1.60 -5.26 -9.12
N ASN A 78 2.84 -4.81 -9.22
CA ASN A 78 3.77 -5.24 -10.25
C ASN A 78 3.13 -5.16 -11.62
N GLY A 79 2.34 -4.10 -11.83
CA GLY A 79 1.80 -3.79 -13.12
C GLY A 79 0.42 -4.36 -13.40
N THR A 80 -0.13 -5.19 -12.52
CA THR A 80 -1.44 -5.77 -12.72
C THR A 80 -2.41 -5.16 -11.71
N SER A 81 -3.63 -4.88 -12.15
CA SER A 81 -4.59 -4.21 -11.31
C SER A 81 -5.51 -5.22 -10.64
N TYR A 82 -5.64 -5.09 -9.33
CA TYR A 82 -6.48 -5.94 -8.52
C TYR A 82 -7.47 -5.07 -7.76
N PRO A 83 -8.56 -5.64 -7.29
CA PRO A 83 -9.52 -4.85 -6.51
C PRO A 83 -8.87 -4.38 -5.21
N PHE A 84 -9.32 -3.21 -4.74
CA PHE A 84 -8.93 -2.78 -3.41
C PHE A 84 -10.19 -2.24 -2.73
N PRO A 85 -10.53 -2.72 -1.53
CA PRO A 85 -9.91 -3.79 -0.77
C PRO A 85 -9.74 -5.10 -1.53
N THR A 86 -8.72 -5.83 -1.10
CA THR A 86 -8.21 -7.02 -1.78
C THR A 86 -8.35 -8.18 -0.79
N THR A 87 -9.05 -9.23 -1.18
CA THR A 87 -9.17 -10.42 -0.35
C THR A 87 -8.50 -11.63 -0.98
N THR A 88 -8.05 -11.51 -2.22
CA THR A 88 -7.45 -12.60 -2.97
C THR A 88 -6.00 -12.23 -3.24
N GLU A 89 -5.09 -13.14 -2.96
CA GLU A 89 -3.68 -12.87 -3.11
C GLU A 89 -3.31 -12.64 -4.56
N THR A 90 -2.40 -11.68 -4.78
CA THR A 90 -1.93 -11.34 -6.09
C THR A 90 -0.90 -12.35 -6.60
N ALA A 91 -0.51 -12.15 -7.85
CA ALA A 91 0.68 -12.81 -8.38
C ALA A 91 1.92 -12.33 -7.63
N ARG A 92 3.00 -13.07 -7.80
CA ARG A 92 4.20 -12.83 -7.01
C ARG A 92 5.22 -11.99 -7.75
N VAL A 93 6.08 -11.38 -6.95
CA VAL A 93 7.28 -10.66 -7.37
C VAL A 93 8.46 -11.39 -6.76
N ILE A 94 9.52 -11.56 -7.55
CA ILE A 94 10.73 -12.23 -7.08
C ILE A 94 11.68 -11.20 -6.49
N TYR A 95 12.21 -11.51 -5.31
CA TYR A 95 13.29 -10.76 -4.69
C TYR A 95 14.49 -11.68 -4.66
N ASP A 96 15.57 -11.25 -5.29
CA ASP A 96 16.74 -12.10 -5.49
C ASP A 96 18.03 -11.32 -5.32
N SER A 97 18.05 -10.31 -4.45
CA SER A 97 19.26 -9.55 -4.21
C SER A 97 19.24 -9.04 -2.78
N ARG A 98 20.42 -8.84 -2.21
CA ARG A 98 20.54 -8.22 -0.90
C ARG A 98 20.31 -6.72 -0.95
N THR A 99 20.25 -6.16 -2.14
CA THR A 99 20.02 -4.73 -2.29
C THR A 99 18.52 -4.45 -2.18
N ASP A 100 18.20 -3.39 -1.46
CA ASP A 100 16.80 -2.98 -1.31
C ASP A 100 16.16 -2.74 -2.67
N LYS A 101 14.96 -3.30 -2.85
CA LYS A 101 14.19 -3.20 -4.08
C LYS A 101 12.81 -2.73 -3.69
N PRO A 102 12.22 -1.80 -4.43
CA PRO A 102 10.87 -1.34 -4.11
C PRO A 102 9.85 -2.46 -4.09
N TRP A 103 8.83 -2.29 -3.26
CA TRP A 103 7.65 -3.15 -3.30
C TRP A 103 6.64 -2.52 -4.25
N PRO A 104 6.34 -3.15 -5.38
CA PRO A 104 5.64 -2.42 -6.47
C PRO A 104 4.13 -2.37 -6.31
N ALA A 105 3.67 -1.69 -5.25
CA ALA A 105 2.25 -1.59 -4.93
C ALA A 105 1.84 -0.12 -5.04
N VAL A 106 0.78 0.14 -5.79
CA VAL A 106 0.27 1.50 -5.98
C VAL A 106 -1.25 1.45 -5.85
N LEU A 107 -1.80 2.24 -4.92
CA LEU A 107 -3.25 2.38 -4.79
C LEU A 107 -3.77 3.44 -5.75
N TYR A 108 -4.84 3.11 -6.46
CA TYR A 108 -5.57 4.07 -7.27
C TYR A 108 -6.99 4.16 -6.72
N LEU A 109 -7.33 5.33 -6.19
CA LEU A 109 -8.55 5.47 -5.43
C LEU A 109 -9.32 6.66 -5.98
N THR A 110 -10.59 6.46 -6.32
CA THR A 110 -11.43 7.52 -6.86
C THR A 110 -12.58 7.79 -5.90
N PRO A 111 -12.93 9.06 -5.68
CA PRO A 111 -14.04 9.34 -4.76
C PRO A 111 -15.35 8.76 -5.30
N VAL A 112 -16.17 8.23 -4.40
CA VAL A 112 -17.48 7.73 -4.74
C VAL A 112 -18.40 8.91 -5.03
N SER A 113 -19.56 8.62 -5.64
CA SER A 113 -20.42 9.68 -6.15
C SER A 113 -20.96 10.58 -5.04
N THR A 114 -21.10 10.06 -3.84
CA THR A 114 -21.63 10.85 -2.73
C THR A 114 -20.53 11.54 -1.94
N ALA A 115 -19.29 11.48 -2.40
CA ALA A 115 -18.22 12.20 -1.73
C ALA A 115 -18.35 13.69 -2.02
N GLY A 116 -17.68 14.48 -1.20
CA GLY A 116 -17.77 15.93 -1.32
C GLY A 116 -17.38 16.55 0.01
N GLY A 117 -16.39 17.43 -0.01
CA GLY A 117 -15.86 17.97 1.22
C GLY A 117 -14.65 17.19 1.68
N VAL A 118 -14.33 17.31 2.97
CA VAL A 118 -13.16 16.62 3.50
C VAL A 118 -13.42 15.12 3.47
N ALA A 119 -12.57 14.39 2.74
CA ALA A 119 -12.75 12.95 2.59
C ALA A 119 -11.77 12.16 3.44
N ILE A 120 -10.55 12.64 3.58
CA ILE A 120 -9.50 12.00 4.36
C ILE A 120 -8.92 13.06 5.29
N THR A 121 -8.75 12.72 6.56
CA THR A 121 -8.14 13.63 7.51
C THR A 121 -6.70 13.25 7.80
N ALA A 122 -5.86 14.26 7.98
CA ALA A 122 -4.46 14.04 8.27
C ALA A 122 -4.32 13.17 9.50
N GLY A 123 -3.36 12.26 9.44
CA GLY A 123 -3.10 11.36 10.55
C GLY A 123 -3.95 10.11 10.59
N SER A 124 -4.96 10.01 9.73
CA SER A 124 -5.87 8.88 9.79
C SER A 124 -5.24 7.67 9.11
N LEU A 125 -5.60 6.49 9.63
CA LEU A 125 -5.27 5.26 8.94
C LEU A 125 -6.20 5.14 7.74
N ILE A 126 -5.62 4.94 6.56
CA ILE A 126 -6.39 4.80 5.34
C ILE A 126 -6.28 3.44 4.70
N ALA A 127 -5.23 2.66 4.98
CA ALA A 127 -5.14 1.35 4.36
C ALA A 127 -4.24 0.49 5.19
N VAL A 128 -4.46 -0.82 5.12
CA VAL A 128 -3.50 -1.80 5.60
C VAL A 128 -3.24 -2.77 4.46
N LEU A 129 -1.96 -2.99 4.15
CA LEU A 129 -1.57 -3.92 3.10
C LEU A 129 -0.73 -5.02 3.74
N ILE A 130 -1.04 -6.27 3.42
CA ILE A 130 -0.26 -7.41 3.89
C ILE A 130 0.61 -7.89 2.74
N LEU A 131 1.92 -7.72 2.89
CA LEU A 131 2.91 -8.33 2.03
C LEU A 131 3.19 -9.73 2.56
N HIS A 132 3.06 -10.71 1.69
CA HIS A 132 3.27 -12.11 2.04
C HIS A 132 4.53 -12.58 1.36
N GLN A 133 5.47 -13.07 2.15
CA GLN A 133 6.72 -13.59 1.64
C GLN A 133 6.83 -15.08 1.89
N THR A 134 7.17 -15.81 0.83
CA THR A 134 7.55 -17.21 0.89
C THR A 134 8.85 -17.35 0.11
N ASN A 135 9.30 -18.56 -0.13
CA ASN A 135 10.57 -18.75 -0.81
C ASN A 135 10.56 -20.13 -1.43
N ASN A 136 11.67 -20.48 -2.07
CA ASN A 136 11.88 -21.79 -2.68
C ASN A 136 12.85 -22.64 -1.85
N TYR A 137 12.88 -22.44 -0.55
CA TYR A 137 13.90 -23.03 0.31
C TYR A 137 13.33 -23.78 1.50
N ASN A 138 12.31 -23.25 2.14
CA ASN A 138 11.73 -23.91 3.31
C ASN A 138 10.25 -23.57 3.35
N SER A 139 9.62 -23.79 4.50
CA SER A 139 8.19 -23.61 4.61
C SER A 139 7.80 -22.21 5.05
N ASP A 140 8.75 -21.28 5.08
CA ASP A 140 8.47 -19.97 5.63
C ASP A 140 7.34 -19.28 4.89
N SER A 141 6.47 -18.65 5.66
CA SER A 141 5.34 -17.93 5.09
C SER A 141 5.10 -16.80 6.06
N PHE A 142 5.48 -15.59 5.69
CA PHE A 142 5.52 -14.50 6.65
C PHE A 142 4.73 -13.32 6.11
N GLN A 143 4.17 -12.57 7.04
CA GLN A 143 3.33 -11.41 6.76
C GLN A 143 4.01 -10.16 7.27
N PHE A 144 4.14 -9.20 6.37
CA PHE A 144 4.70 -7.88 6.61
C PHE A 144 3.53 -6.94 6.45
N ILE A 145 3.08 -6.35 7.55
CA ILE A 145 1.81 -5.63 7.59
C ILE A 145 2.16 -4.15 7.60
N TRP A 146 1.72 -3.44 6.58
CA TRP A 146 2.00 -2.03 6.37
C TRP A 146 0.74 -1.25 6.66
N ASN A 147 0.78 -0.43 7.71
CA ASN A 147 -0.31 0.46 8.06
C ASN A 147 -0.04 1.80 7.40
N ILE A 148 -0.93 2.20 6.49
CA ILE A 148 -0.77 3.38 5.67
C ILE A 148 -1.62 4.49 6.26
N TYR A 149 -0.93 5.56 6.68
CA TYR A 149 -1.52 6.75 7.27
C TYR A 149 -1.37 7.94 6.35
N ALA A 150 -2.39 8.79 6.34
CA ALA A 150 -2.34 10.02 5.57
C ALA A 150 -1.55 11.09 6.30
N ASN A 151 -0.61 11.72 5.58
CA ASN A 151 0.08 12.87 6.15
C ASN A 151 -0.71 14.16 6.07
N ASN A 152 -1.72 14.21 5.21
CA ASN A 152 -2.46 15.44 5.06
C ASN A 152 -3.92 15.13 4.74
N ASP A 153 -4.76 16.14 4.91
CA ASP A 153 -6.15 16.02 4.54
C ASP A 153 -6.28 15.94 3.03
N VAL A 154 -7.33 15.29 2.56
CA VAL A 154 -7.71 15.28 1.15
C VAL A 154 -9.15 15.74 1.07
N VAL A 155 -9.42 16.73 0.21
CA VAL A 155 -10.77 17.22 0.00
C VAL A 155 -11.21 16.84 -1.41
N VAL A 156 -12.51 16.60 -1.54
CA VAL A 156 -13.16 16.39 -2.83
C VAL A 156 -13.94 17.67 -3.07
N PRO A 157 -13.48 18.59 -3.91
CA PRO A 157 -14.15 19.88 -4.02
C PRO A 157 -15.61 19.75 -4.38
N THR A 158 -16.40 20.68 -3.89
CA THR A 158 -17.83 20.74 -4.15
C THR A 158 -18.17 22.02 -4.89
N GLY A 159 -19.39 22.07 -5.41
CA GLY A 159 -19.86 23.28 -6.04
C GLY A 159 -20.81 24.00 -5.11
N GLY A 160 -21.99 24.32 -5.61
CA GLY A 160 -22.97 24.99 -4.82
C GLY A 160 -22.69 26.48 -4.75
N HIS A 161 -23.34 27.12 -3.78
CA HIS A 161 -23.22 28.54 -3.54
C HIS A 161 -22.44 28.85 -2.27
N HIS A 162 -21.88 27.85 -1.60
CA HIS A 162 -21.09 28.04 -0.39
C HIS A 162 -19.63 27.72 -0.68
N HIS A 163 -18.75 28.68 -0.40
CA HIS A 163 -17.32 28.54 -0.68
C HIS A 163 -16.46 29.02 0.48
C1 MAN B . 15.72 -15.74 5.84
C2 MAN B . 14.21 -15.81 6.00
C3 MAN B . 13.62 -16.54 4.81
C4 MAN B . 14.06 -15.93 3.50
C5 MAN B . 15.59 -15.87 3.45
C6 MAN B . 16.12 -15.20 2.22
O1 MAN B . 16.21 -17.09 6.01
O2 MAN B . 13.68 -14.48 5.99
O3 MAN B . 12.20 -16.56 4.90
O4 MAN B . 13.55 -16.70 2.44
O5 MAN B . 16.08 -15.17 4.61
O6 MAN B . 15.65 -13.86 2.20
H1 MAN B . 16.18 -15.08 6.60
H2 MAN B . 13.92 -16.35 6.92
H3 MAN B . 13.97 -17.57 4.82
H4 MAN B . 13.70 -14.89 3.44
H5 MAN B . 16.00 -16.89 3.46
H61 MAN B . 15.76 -15.77 1.35
H62 MAN B . 17.21 -15.24 2.25
HO1 MAN B . 17.18 -17.06 5.90
HO2 MAN B . 12.73 -14.52 6.19
HO3 MAN B . 12.00 -16.93 5.77
HO6 MAN B . 15.58 -13.60 1.27
#